data_5WRD
#
_entry.id   5WRD
#
_cell.length_a   113.412
_cell.length_b   44.613
_cell.length_c   63.582
_cell.angle_alpha   90.00
_cell.angle_beta   120.29
_cell.angle_gamma   90.00
#
_symmetry.space_group_name_H-M   'C 1 2 1'
#
loop_
_entity.id
_entity.type
_entity.pdbx_description
1 polymer 'Microtubule-associated proteins 1A/1B light chain 3B'
2 polymer 'Peptide from FYVE and coiled-coil domain-containing protein 1'
3 non-polymer GLYCEROL
4 water water
#
loop_
_entity_poly.entity_id
_entity_poly.type
_entity_poly.pdbx_seq_one_letter_code
_entity_poly.pdbx_strand_id
1 'polypeptide(L)'
;MPSEKTFKQRRSFEQRVEDVRLIREQHPTKIPVIIERYKGEKQLPVLDKTKFLVPDHVNMSELIKIIRRRLQLNANQAFF
LLVNGHSMVSVSTPISEVYESERDEDGFLYMVYASQETFGTAMAV
;
A,B
2 'polypeptide(L)' DDAVFDIITDEELCQIQES C,D
#
# COMPACT_ATOMS: atom_id res chain seq x y z
N GLU A 4 9.42 1.65 -14.39
CA GLU A 4 8.04 1.16 -14.05
C GLU A 4 8.07 -0.21 -13.46
N LYS A 5 9.16 -0.97 -13.66
CA LYS A 5 9.31 -2.25 -12.96
C LYS A 5 9.86 -2.02 -11.54
N THR A 6 9.36 -2.76 -10.56
CA THR A 6 9.81 -2.53 -9.20
C THR A 6 11.06 -3.28 -8.95
N PHE A 7 11.70 -3.02 -7.82
CA PHE A 7 12.92 -3.74 -7.55
C PHE A 7 12.69 -5.27 -7.64
N LYS A 8 11.55 -5.74 -7.10
CA LYS A 8 11.24 -7.18 -7.14
C LYS A 8 11.03 -7.69 -8.61
N GLN A 9 10.47 -6.85 -9.48
CA GLN A 9 10.28 -7.19 -10.85
C GLN A 9 11.62 -7.16 -11.61
N ARG A 10 12.64 -6.44 -11.13
CA ARG A 10 13.92 -6.32 -11.85
C ARG A 10 14.96 -7.34 -11.43
N ARG A 11 14.80 -7.95 -10.26
CA ARG A 11 15.83 -8.79 -9.68
C ARG A 11 15.09 -9.97 -9.11
N SER A 12 15.34 -11.15 -9.67
CA SER A 12 14.80 -12.37 -9.17
C SER A 12 15.06 -12.52 -7.68
N PHE A 13 14.13 -13.21 -7.04
CA PHE A 13 14.42 -13.69 -5.69
C PHE A 13 15.86 -14.09 -5.43
N GLU A 14 16.43 -14.89 -6.32
CA GLU A 14 17.70 -15.59 -6.09
C GLU A 14 18.76 -14.56 -5.98
N GLN A 15 18.72 -13.61 -6.92
CA GLN A 15 19.66 -12.50 -6.92
C GLN A 15 19.53 -11.66 -5.63
N ARG A 16 18.30 -11.46 -5.16
CA ARG A 16 18.09 -10.56 -3.98
C ARG A 16 18.59 -11.19 -2.71
N VAL A 17 18.28 -12.49 -2.56
CA VAL A 17 18.81 -13.31 -1.46
C VAL A 17 20.33 -13.16 -1.40
N GLU A 18 20.96 -13.27 -2.56
CA GLU A 18 22.40 -13.20 -2.68
C GLU A 18 22.98 -11.83 -2.32
N ASP A 19 22.32 -10.76 -2.78
CA ASP A 19 22.74 -9.38 -2.47
C ASP A 19 22.81 -9.21 -0.96
N VAL A 20 21.78 -9.67 -0.29
CA VAL A 20 21.66 -9.48 1.14
C VAL A 20 22.63 -10.41 1.87
N ARG A 21 22.68 -11.69 1.47
CA ARG A 21 23.58 -12.63 2.14
C ARG A 21 24.99 -12.04 2.17
N LEU A 22 25.39 -11.43 1.06
CA LEU A 22 26.73 -10.91 0.92
C LEU A 22 26.91 -9.60 1.67
N ILE A 23 25.97 -8.65 1.49
CA ILE A 23 26.15 -7.34 2.06
C ILE A 23 26.08 -7.41 3.60
N ARG A 24 25.34 -8.40 4.11
CA ARG A 24 25.32 -8.64 5.55
C ARG A 24 26.62 -9.27 6.06
N GLU A 25 27.24 -10.14 5.28
CA GLU A 25 28.58 -10.64 5.66
C GLU A 25 29.58 -9.49 5.73
N GLN A 26 29.51 -8.54 4.79
CA GLN A 26 30.51 -7.46 4.73
C GLN A 26 30.21 -6.25 5.60
N HIS A 27 28.93 -6.05 5.94
CA HIS A 27 28.53 -4.90 6.74
C HIS A 27 27.48 -5.41 7.72
N PRO A 28 27.93 -6.07 8.79
CA PRO A 28 27.04 -6.74 9.73
C PRO A 28 26.24 -5.75 10.63
N THR A 29 26.57 -4.46 10.62
CA THR A 29 25.75 -3.49 11.41
C THR A 29 24.98 -2.50 10.55
N LYS A 30 24.83 -2.86 9.26
CA LYS A 30 24.05 -2.07 8.27
C LYS A 30 22.85 -2.81 7.74
N ILE A 31 21.80 -2.04 7.42
CA ILE A 31 20.52 -2.60 7.10
C ILE A 31 20.32 -2.40 5.60
N PRO A 32 20.07 -3.48 4.86
CA PRO A 32 19.82 -3.20 3.45
C PRO A 32 18.40 -2.84 3.19
N VAL A 33 18.24 -1.67 2.58
CA VAL A 33 16.94 -1.09 2.40
C VAL A 33 16.66 -0.80 0.97
N ILE A 34 15.42 -1.13 0.58
CA ILE A 34 14.89 -0.83 -0.72
C ILE A 34 13.89 0.30 -0.57
N ILE A 35 14.15 1.42 -1.27
CA ILE A 35 13.35 2.62 -1.12
C ILE A 35 12.89 2.99 -2.51
N GLU A 36 11.58 2.91 -2.70
CA GLU A 36 10.90 3.22 -3.97
C GLU A 36 9.87 4.21 -3.85
N ARG A 37 9.71 4.96 -4.93
CA ARG A 37 8.65 5.96 -4.95
C ARG A 37 7.23 5.32 -5.09
N TYR A 38 6.25 5.77 -4.32
CA TYR A 38 4.87 5.23 -4.34
C TYR A 38 4.35 5.35 -5.79
N LYS A 39 3.82 4.25 -6.35
CA LYS A 39 3.24 4.23 -7.71
C LYS A 39 2.13 5.24 -7.95
N GLY A 40 1.46 5.77 -6.95
CA GLY A 40 0.61 6.91 -7.17
C GLY A 40 1.21 8.31 -6.93
N GLU A 41 2.51 8.43 -6.67
CA GLU A 41 3.01 9.67 -6.16
C GLU A 41 3.15 10.67 -7.32
N LYS A 42 2.77 11.89 -7.05
CA LYS A 42 2.88 13.02 -8.02
C LYS A 42 3.81 14.16 -7.66
N GLN A 43 4.15 14.31 -6.37
CA GLN A 43 4.82 15.50 -5.87
C GLN A 43 6.31 15.31 -5.74
N LEU A 44 6.79 14.08 -5.54
CA LEU A 44 8.16 13.95 -5.14
C LEU A 44 8.97 13.48 -6.29
N PRO A 45 10.23 13.97 -6.34
CA PRO A 45 11.11 13.43 -7.34
C PRO A 45 11.48 11.98 -7.13
N VAL A 46 12.09 11.44 -8.16
CA VAL A 46 12.58 10.10 -8.13
C VAL A 46 14.01 10.20 -7.57
N LEU A 47 14.36 9.27 -6.70
CA LEU A 47 15.72 8.99 -6.23
C LEU A 47 16.43 8.37 -7.38
N ASP A 48 17.74 8.54 -7.45
CA ASP A 48 18.46 7.90 -8.53
C ASP A 48 19.01 6.52 -8.15
N LYS A 49 18.92 6.12 -6.89
CA LYS A 49 19.26 4.76 -6.54
C LYS A 49 18.07 4.20 -5.81
N THR A 50 18.04 2.88 -5.71
CA THR A 50 16.99 2.15 -5.04
C THR A 50 17.45 1.42 -3.81
N LYS A 51 18.69 0.92 -3.82
CA LYS A 51 19.23 0.09 -2.74
C LYS A 51 20.10 0.93 -1.84
N PHE A 52 19.82 0.86 -0.54
CA PHE A 52 20.42 1.75 0.43
C PHE A 52 20.98 0.87 1.47
N LEU A 53 22.09 1.30 2.01
CA LEU A 53 22.73 0.63 3.13
C LEU A 53 22.72 1.64 4.30
N VAL A 54 22.01 1.31 5.38
CA VAL A 54 21.78 2.29 6.44
C VAL A 54 22.37 1.77 7.75
N PRO A 55 23.27 2.54 8.40
CA PRO A 55 23.74 2.08 9.74
C PRO A 55 22.60 1.72 10.66
N ASP A 56 22.74 0.60 11.35
CA ASP A 56 21.66 -0.01 12.06
C ASP A 56 21.22 0.78 13.32
N HIS A 57 21.98 1.79 13.74
CA HIS A 57 21.59 2.62 14.91
C HIS A 57 20.77 3.90 14.54
N VAL A 58 20.66 4.23 13.25
CA VAL A 58 19.87 5.40 12.75
C VAL A 58 18.37 5.16 13.10
N ASN A 59 17.64 6.21 13.54
CA ASN A 59 16.21 6.10 13.74
C ASN A 59 15.53 6.34 12.43
N MET A 60 14.27 5.92 12.34
CA MET A 60 13.51 6.18 11.10
C MET A 60 13.48 7.68 10.85
N SER A 61 13.40 8.48 11.92
CA SER A 61 13.36 9.89 11.73
C SER A 61 14.60 10.37 11.01
N GLU A 62 15.76 9.80 11.36
CA GLU A 62 17.00 10.20 10.72
C GLU A 62 17.13 9.75 9.26
N LEU A 63 16.65 8.56 8.97
CA LEU A 63 16.59 8.12 7.58
C LEU A 63 15.70 9.11 6.77
N ILE A 64 14.58 9.48 7.34
CA ILE A 64 13.66 10.40 6.68
C ILE A 64 14.43 11.69 6.34
N LYS A 65 15.11 12.25 7.32
CA LYS A 65 15.80 13.56 7.14
C LYS A 65 16.89 13.44 6.11
N ILE A 66 17.53 12.27 6.06
CA ILE A 66 18.49 12.00 5.00
C ILE A 66 17.84 11.93 3.64
N ILE A 67 16.78 11.18 3.52
CA ILE A 67 16.19 11.03 2.16
C ILE A 67 15.62 12.37 1.69
N ARG A 68 15.04 13.18 2.61
CA ARG A 68 14.58 14.56 2.36
C ARG A 68 15.71 15.46 1.82
N ARG A 69 16.95 15.22 2.25
CA ARG A 69 18.10 15.96 1.69
C ARG A 69 18.60 15.36 0.38
N ARG A 70 18.59 14.03 0.23
CA ARG A 70 18.80 13.41 -1.09
C ARG A 70 17.78 13.86 -2.16
N LEU A 71 16.54 14.11 -1.75
CA LEU A 71 15.54 14.61 -2.68
C LEU A 71 15.58 16.13 -2.71
N GLN A 72 16.48 16.75 -1.94
CA GLN A 72 16.51 18.20 -1.57
C GLN A 72 15.16 18.92 -1.64
N LEU A 73 14.40 18.87 -0.52
CA LEU A 73 13.03 19.33 -0.43
C LEU A 73 12.86 20.58 0.37
N ASN A 74 11.93 21.41 -0.07
CA ASN A 74 11.47 22.51 0.71
C ASN A 74 10.96 21.91 1.99
N ALA A 75 11.10 22.68 3.07
CA ALA A 75 10.75 22.26 4.43
C ALA A 75 9.30 22.00 4.59
N ASN A 76 8.47 22.61 3.75
CA ASN A 76 7.05 22.42 3.77
C ASN A 76 6.59 21.28 2.90
N GLN A 77 7.47 20.56 2.23
CA GLN A 77 7.00 19.45 1.44
C GLN A 77 6.81 18.27 2.38
N ALA A 78 5.62 17.68 2.37
CA ALA A 78 5.30 16.48 3.09
C ALA A 78 6.06 15.31 2.53
N PHE A 79 6.53 14.41 3.43
CA PHE A 79 7.28 13.21 3.00
C PHE A 79 7.08 12.11 4.07
N PHE A 80 6.75 10.92 3.64
CA PHE A 80 6.46 9.84 4.61
C PHE A 80 7.10 8.59 4.04
N LEU A 81 7.50 7.65 4.91
CA LEU A 81 8.00 6.38 4.42
C LEU A 81 7.02 5.31 4.94
N LEU A 82 6.54 4.46 4.04
CA LEU A 82 5.55 3.50 4.38
C LEU A 82 6.22 2.18 4.20
N VAL A 83 6.52 1.55 5.32
CA VAL A 83 7.22 0.27 5.33
C VAL A 83 6.30 -0.82 4.71
N ASN A 84 6.83 -1.52 3.71
CA ASN A 84 6.05 -2.54 2.96
C ASN A 84 4.91 -1.88 2.26
N GLY A 85 5.09 -0.60 1.86
CA GLY A 85 4.02 0.15 1.20
C GLY A 85 2.84 0.65 2.01
N HIS A 86 2.80 0.34 3.30
CA HIS A 86 1.61 0.64 4.04
C HIS A 86 1.78 0.96 5.55
N SER A 87 2.83 0.51 6.20
CA SER A 87 2.98 0.72 7.63
C SER A 87 3.71 2.01 8.01
N MET A 88 3.11 2.78 8.93
CA MET A 88 3.72 3.94 9.57
C MET A 88 4.28 3.47 10.91
N VAL A 89 5.58 3.33 10.95
CA VAL A 89 6.26 2.89 12.18
C VAL A 89 6.71 4.15 12.92
N SER A 90 6.92 4.00 14.21
CA SER A 90 7.26 5.17 15.00
C SER A 90 8.54 5.76 14.47
N VAL A 91 8.58 7.08 14.30
CA VAL A 91 9.75 7.73 13.84
C VAL A 91 10.97 7.53 14.74
N SER A 92 10.77 7.25 16.04
CA SER A 92 11.96 7.05 16.90
C SER A 92 12.42 5.62 16.96
N THR A 93 11.89 4.72 16.08
CA THR A 93 12.33 3.31 16.01
C THR A 93 13.67 3.23 15.34
N PRO A 94 14.64 2.58 16.02
CA PRO A 94 15.95 2.32 15.43
C PRO A 94 15.74 1.46 14.18
N ILE A 95 16.45 1.69 13.11
CA ILE A 95 16.16 0.92 11.90
C ILE A 95 16.47 -0.59 12.06
N SER A 96 17.41 -0.92 12.94
CA SER A 96 17.62 -2.32 13.34
C SER A 96 16.34 -3.02 13.85
N GLU A 97 15.46 -2.34 14.58
CA GLU A 97 14.27 -3.02 15.10
C GLU A 97 13.23 -3.13 14.01
N VAL A 98 13.15 -2.08 13.14
CA VAL A 98 12.26 -2.19 12.00
C VAL A 98 12.66 -3.40 11.14
N TYR A 99 13.95 -3.55 10.97
CA TYR A 99 14.49 -4.68 10.17
C TYR A 99 14.12 -6.06 10.73
N GLU A 100 14.30 -6.24 12.06
CA GLU A 100 13.88 -7.46 12.77
C GLU A 100 12.42 -7.77 12.57
N SER A 101 11.54 -6.78 12.68
CA SER A 101 10.10 -7.00 12.55
C SER A 101 9.56 -7.04 11.13
N GLU A 102 10.16 -6.31 10.19
CA GLU A 102 9.46 -6.10 8.90
C GLU A 102 10.22 -6.50 7.68
N ARG A 103 11.42 -7.04 7.85
CA ARG A 103 12.18 -7.52 6.68
C ARG A 103 11.35 -8.52 5.85
N ASP A 104 11.64 -8.51 4.56
CA ASP A 104 11.06 -9.42 3.60
C ASP A 104 11.69 -10.80 3.70
N GLU A 105 11.06 -11.80 3.11
CA GLU A 105 11.67 -13.13 3.02
C GLU A 105 13.04 -13.13 2.33
N ASP A 106 13.33 -12.19 1.39
CA ASP A 106 14.70 -12.15 0.74
C ASP A 106 15.84 -11.48 1.58
N GLY A 107 15.50 -10.90 2.72
CA GLY A 107 16.52 -10.29 3.58
C GLY A 107 16.52 -8.73 3.49
N PHE A 108 15.80 -8.16 2.53
CA PHE A 108 15.75 -6.68 2.37
C PHE A 108 14.63 -6.14 3.24
N LEU A 109 14.79 -4.89 3.66
CA LEU A 109 13.71 -4.13 4.26
C LEU A 109 13.18 -3.15 3.19
N TYR A 110 11.93 -3.27 2.86
CA TYR A 110 11.22 -2.55 1.79
C TYR A 110 10.38 -1.34 2.31
N MET A 111 10.47 -0.21 1.63
CA MET A 111 9.73 0.97 1.92
C MET A 111 9.38 1.69 0.68
N VAL A 112 8.26 2.41 0.75
CA VAL A 112 7.77 3.25 -0.28
C VAL A 112 7.70 4.65 0.27
N TYR A 113 8.10 5.66 -0.52
CA TYR A 113 7.91 7.06 -0.07
C TYR A 113 6.79 7.73 -0.80
N ALA A 114 6.03 8.54 -0.06
CA ALA A 114 4.92 9.30 -0.61
C ALA A 114 4.68 10.61 0.10
N SER A 115 3.89 11.47 -0.53
CA SER A 115 3.68 12.81 0.01
C SER A 115 2.44 12.91 0.84
N GLN A 116 1.63 11.86 0.91
CA GLN A 116 0.61 11.87 1.96
C GLN A 116 0.59 10.61 2.79
N GLU A 117 -0.12 10.75 3.87
CA GLU A 117 -0.16 9.83 4.93
C GLU A 117 -1.41 8.95 4.91
N THR A 118 -2.49 9.45 4.32
CA THR A 118 -3.79 8.79 4.46
C THR A 118 -4.47 8.88 3.12
N PHE A 119 -4.96 7.72 2.67
CA PHE A 119 -5.51 7.63 1.35
C PHE A 119 -6.97 7.34 1.52
N GLY A 120 -7.80 7.93 0.69
CA GLY A 120 -9.22 7.86 0.95
C GLY A 120 -9.56 8.67 2.20
N GLU B 4 -1.88 -6.59 10.14
CA GLU B 4 -2.72 -6.54 11.37
C GLU B 4 -4.05 -7.30 11.15
N LYS B 5 -5.09 -6.92 11.89
CA LYS B 5 -6.32 -7.64 11.78
C LYS B 5 -7.04 -7.29 10.47
N THR B 6 -7.53 -8.27 9.76
CA THR B 6 -8.51 -8.01 8.68
C THR B 6 -9.83 -7.47 9.27
N PHE B 7 -10.73 -7.01 8.39
CA PHE B 7 -12.05 -6.57 8.80
C PHE B 7 -12.78 -7.61 9.62
N LYS B 8 -12.76 -8.86 9.15
CA LYS B 8 -13.46 -9.95 9.85
C LYS B 8 -12.93 -10.23 11.24
N GLN B 9 -11.66 -9.97 11.43
CA GLN B 9 -11.01 -10.20 12.70
C GLN B 9 -11.28 -9.01 13.61
N ARG B 10 -11.51 -7.82 13.04
CA ARG B 10 -11.71 -6.61 13.84
C ARG B 10 -13.10 -6.56 14.35
N ARG B 11 -14.06 -7.10 13.58
CA ARG B 11 -15.49 -6.90 13.87
C ARG B 11 -16.14 -8.28 13.96
N SER B 12 -16.92 -8.55 15.00
CA SER B 12 -17.61 -9.86 15.07
C SER B 12 -18.60 -10.12 13.98
N PHE B 13 -18.95 -11.40 13.80
CA PHE B 13 -19.91 -11.75 12.76
C PHE B 13 -21.24 -11.08 12.94
N GLU B 14 -21.70 -11.07 14.19
CA GLU B 14 -22.96 -10.43 14.51
C GLU B 14 -22.95 -8.97 14.19
N GLN B 15 -21.84 -8.30 14.49
CA GLN B 15 -21.65 -6.88 14.21
C GLN B 15 -21.68 -6.62 12.70
N ARG B 16 -21.04 -7.48 11.93
CA ARG B 16 -21.05 -7.31 10.45
C ARG B 16 -22.45 -7.50 9.85
N VAL B 17 -23.10 -8.54 10.31
CA VAL B 17 -24.39 -8.89 9.69
C VAL B 17 -25.43 -7.82 10.02
N GLU B 18 -25.40 -7.31 11.22
CA GLU B 18 -26.35 -6.28 11.58
C GLU B 18 -26.06 -4.93 10.86
N ASP B 19 -24.79 -4.66 10.63
CA ASP B 19 -24.41 -3.50 9.78
C ASP B 19 -24.99 -3.63 8.39
N VAL B 20 -24.82 -4.77 7.74
CA VAL B 20 -25.44 -5.01 6.42
C VAL B 20 -26.99 -4.87 6.44
N ARG B 21 -27.64 -5.46 7.44
CA ARG B 21 -29.11 -5.44 7.52
C ARG B 21 -29.60 -3.98 7.60
N LEU B 22 -29.02 -3.21 8.53
CA LEU B 22 -29.34 -1.77 8.68
C LEU B 22 -29.08 -0.94 7.45
N ILE B 23 -27.87 -1.08 6.88
CA ILE B 23 -27.52 -0.27 5.72
C ILE B 23 -28.38 -0.58 4.51
N ARG B 24 -28.76 -1.86 4.36
CA ARG B 24 -29.62 -2.26 3.24
C ARG B 24 -31.06 -1.73 3.43
N GLU B 25 -31.54 -1.62 4.66
CA GLU B 25 -32.80 -0.93 4.95
C GLU B 25 -32.84 0.48 4.46
N GLN B 26 -31.73 1.19 4.62
CA GLN B 26 -31.61 2.57 4.34
C GLN B 26 -31.24 2.80 2.91
N HIS B 27 -30.53 1.85 2.28
CA HIS B 27 -30.09 1.99 0.93
C HIS B 27 -30.30 0.66 0.22
N PRO B 28 -31.55 0.32 -0.10
CA PRO B 28 -31.74 -0.94 -0.78
C PRO B 28 -31.20 -1.08 -2.20
N THR B 29 -30.78 -0.01 -2.86
CA THR B 29 -30.33 -0.10 -4.22
C THR B 29 -28.78 -0.13 -4.26
N LYS B 30 -28.13 -0.36 -3.11
CA LYS B 30 -26.68 -0.28 -3.02
C LYS B 30 -26.19 -1.61 -2.47
N ILE B 31 -24.94 -1.93 -2.78
CA ILE B 31 -24.32 -3.19 -2.39
C ILE B 31 -23.17 -2.86 -1.49
N PRO B 32 -23.07 -3.54 -0.31
CA PRO B 32 -22.05 -3.27 0.65
C PRO B 32 -20.84 -4.15 0.34
N VAL B 33 -19.71 -3.47 0.19
CA VAL B 33 -18.46 -4.11 -0.26
C VAL B 33 -17.35 -3.75 0.73
N ILE B 34 -16.54 -4.73 1.11
CA ILE B 34 -15.32 -4.53 1.95
C ILE B 34 -14.14 -4.62 1.04
N ILE B 35 -13.32 -3.56 1.03
CA ILE B 35 -12.18 -3.48 0.13
C ILE B 35 -10.93 -3.40 1.02
N GLU B 36 -10.06 -4.39 0.92
CA GLU B 36 -8.83 -4.47 1.83
C GLU B 36 -7.56 -4.70 1.01
N ARG B 37 -6.42 -4.24 1.51
CA ARG B 37 -5.13 -4.53 0.90
C ARG B 37 -4.86 -6.03 0.96
N TYR B 38 -4.36 -6.62 -0.13
CA TYR B 38 -3.91 -8.03 -0.17
C TYR B 38 -2.81 -8.27 0.82
N LYS B 39 -2.92 -9.33 1.61
CA LYS B 39 -2.01 -9.47 2.77
C LYS B 39 -0.51 -9.39 2.47
N GLY B 40 -0.07 -9.99 1.40
CA GLY B 40 1.39 -9.83 1.08
C GLY B 40 1.77 -8.62 0.26
N GLU B 41 0.83 -7.76 -0.04
CA GLU B 41 1.11 -6.63 -0.88
C GLU B 41 2.23 -5.72 -0.29
N LYS B 42 3.08 -5.21 -1.15
CA LYS B 42 4.18 -4.33 -0.70
C LYS B 42 4.20 -2.96 -1.35
N GLN B 43 3.35 -2.70 -2.33
CA GLN B 43 3.39 -1.38 -2.99
C GLN B 43 2.28 -0.39 -2.69
N LEU B 44 1.22 -0.87 -2.06
CA LEU B 44 0.01 -0.10 -1.94
C LEU B 44 -0.35 0.17 -0.49
N PRO B 45 -0.88 1.36 -0.20
CA PRO B 45 -1.24 1.70 1.16
C PRO B 45 -2.64 1.14 1.55
N VAL B 46 -2.97 1.21 2.83
CA VAL B 46 -4.29 0.90 3.33
C VAL B 46 -5.19 2.11 3.08
N LEU B 47 -6.44 1.87 2.71
CA LEU B 47 -7.36 2.99 2.59
C LEU B 47 -7.92 3.32 3.91
N ASP B 48 -8.32 4.56 4.09
CA ASP B 48 -8.93 4.96 5.35
C ASP B 48 -10.32 4.34 5.55
N LYS B 49 -11.14 4.24 4.52
CA LYS B 49 -12.42 3.56 4.70
C LYS B 49 -12.37 2.13 4.07
N THR B 50 -12.69 1.12 4.85
CA THR B 50 -12.70 -0.26 4.39
C THR B 50 -14.05 -0.58 3.76
N LYS B 51 -15.11 0.09 4.24
CA LYS B 51 -16.50 -0.22 3.78
C LYS B 51 -16.99 0.74 2.72
N PHE B 52 -17.42 0.18 1.59
CA PHE B 52 -18.01 0.90 0.47
C PHE B 52 -19.44 0.47 0.30
N LEU B 53 -20.23 1.42 -0.17
CA LEU B 53 -21.62 1.18 -0.49
C LEU B 53 -21.85 1.69 -1.90
N VAL B 54 -22.02 0.77 -2.85
CA VAL B 54 -22.03 1.15 -4.25
C VAL B 54 -23.36 0.90 -4.97
N PRO B 55 -23.71 1.75 -5.93
CA PRO B 55 -24.95 1.45 -6.63
C PRO B 55 -25.03 0.04 -7.16
N ASP B 56 -26.20 -0.62 -7.10
CA ASP B 56 -26.19 -2.00 -7.47
C ASP B 56 -26.05 -2.33 -8.97
N HIS B 57 -25.95 -1.32 -9.85
CA HIS B 57 -25.81 -1.55 -11.27
C HIS B 57 -24.38 -1.27 -11.72
N VAL B 58 -23.47 -0.99 -10.77
CA VAL B 58 -22.06 -0.66 -11.06
C VAL B 58 -21.45 -1.92 -11.64
N ASN B 59 -20.50 -1.77 -12.56
CA ASN B 59 -19.73 -2.91 -13.00
C ASN B 59 -18.35 -2.95 -12.40
N MET B 60 -17.62 -4.03 -12.65
CA MET B 60 -16.28 -4.16 -12.05
C MET B 60 -15.35 -3.02 -12.57
N SER B 61 -15.40 -2.70 -13.87
CA SER B 61 -14.64 -1.57 -14.43
C SER B 61 -14.81 -0.32 -13.56
N GLU B 62 -16.07 0.03 -13.27
CA GLU B 62 -16.34 1.21 -12.50
C GLU B 62 -15.85 1.13 -11.06
N LEU B 63 -15.97 -0.03 -10.44
CA LEU B 63 -15.49 -0.17 -9.09
C LEU B 63 -13.97 -0.05 -9.04
N ILE B 64 -13.27 -0.63 -10.02
CA ILE B 64 -11.83 -0.46 -10.14
C ILE B 64 -11.43 1.01 -10.23
N LYS B 65 -12.15 1.77 -11.03
CA LYS B 65 -11.94 3.18 -11.16
C LYS B 65 -12.15 3.90 -9.86
N ILE B 66 -13.16 3.49 -9.10
CA ILE B 66 -13.37 4.10 -7.76
C ILE B 66 -12.14 3.85 -6.88
N ILE B 67 -11.68 2.59 -6.80
CA ILE B 67 -10.60 2.24 -5.87
C ILE B 67 -9.28 2.89 -6.35
N ARG B 68 -9.01 2.83 -7.63
CA ARG B 68 -7.84 3.51 -8.21
C ARG B 68 -7.80 4.95 -7.85
N ARG B 69 -8.96 5.61 -7.87
CA ARG B 69 -9.02 6.98 -7.46
C ARG B 69 -8.66 7.21 -6.03
N ARG B 70 -9.17 6.39 -5.14
CA ARG B 70 -8.89 6.48 -3.73
C ARG B 70 -7.39 6.21 -3.47
N LEU B 71 -6.75 5.29 -4.23
CA LEU B 71 -5.34 5.04 -4.06
C LEU B 71 -4.50 6.14 -4.77
N GLN B 72 -5.22 7.08 -5.40
CA GLN B 72 -4.67 8.08 -6.29
C GLN B 72 -3.72 7.45 -7.24
N LEU B 73 -4.12 6.33 -7.82
CA LEU B 73 -3.18 5.58 -8.64
C LEU B 73 -3.09 6.17 -10.02
N ASN B 74 -1.89 6.69 -10.31
CA ASN B 74 -1.46 7.13 -11.66
C ASN B 74 -1.92 6.20 -12.81
N ALA B 75 -2.40 6.79 -13.92
CA ALA B 75 -3.24 6.07 -14.91
C ALA B 75 -2.60 4.83 -15.59
N ASN B 76 -1.27 4.74 -15.60
CA ASN B 76 -0.57 3.55 -16.17
C ASN B 76 -0.90 2.19 -15.50
N GLN B 77 -1.06 2.29 -14.18
CA GLN B 77 -0.58 1.29 -13.23
C GLN B 77 -1.39 0.05 -13.24
N ALA B 78 -0.70 -1.08 -13.33
CA ALA B 78 -1.34 -2.37 -13.26
C ALA B 78 -1.88 -2.52 -11.82
N PHE B 79 -3.06 -3.11 -11.73
CA PHE B 79 -3.80 -3.12 -10.51
C PHE B 79 -4.73 -4.33 -10.55
N PHE B 80 -4.93 -5.00 -9.41
CA PHE B 80 -5.75 -6.24 -9.33
C PHE B 80 -6.81 -5.95 -8.24
N LEU B 81 -8.10 -6.22 -8.50
CA LEU B 81 -9.15 -6.28 -7.47
C LEU B 81 -9.64 -7.75 -7.51
N LEU B 82 -9.41 -8.46 -6.44
CA LEU B 82 -9.65 -9.91 -6.40
C LEU B 82 -10.81 -10.15 -5.47
N VAL B 83 -11.79 -10.87 -5.97
CA VAL B 83 -12.92 -11.23 -5.16
C VAL B 83 -12.54 -12.39 -4.25
N ASN B 84 -12.83 -12.21 -2.95
CA ASN B 84 -12.49 -13.14 -1.89
C ASN B 84 -11.01 -13.51 -1.86
N GLY B 85 -10.15 -12.59 -2.20
CA GLY B 85 -8.74 -12.89 -2.12
C GLY B 85 -8.13 -13.58 -3.33
N HIS B 86 -8.91 -14.13 -4.26
CA HIS B 86 -8.33 -14.96 -5.36
C HIS B 86 -9.01 -14.84 -6.75
N SER B 87 -10.31 -14.55 -6.83
CA SER B 87 -11.04 -14.65 -8.09
C SER B 87 -11.04 -13.35 -8.86
N MET B 88 -10.81 -13.43 -10.14
CA MET B 88 -10.86 -12.24 -10.98
C MET B 88 -12.09 -12.33 -11.84
N VAL B 89 -12.74 -11.23 -12.06
CA VAL B 89 -13.83 -11.21 -13.05
C VAL B 89 -13.59 -10.12 -14.07
N SER B 90 -14.06 -10.37 -15.27
CA SER B 90 -13.79 -9.43 -16.36
C SER B 90 -14.47 -8.09 -16.03
N VAL B 91 -13.86 -7.03 -16.54
CA VAL B 91 -14.22 -5.66 -16.14
C VAL B 91 -15.64 -5.27 -16.52
N SER B 92 -16.22 -5.97 -17.48
CA SER B 92 -17.64 -5.68 -17.79
C SER B 92 -18.68 -6.43 -16.91
N THR B 93 -18.25 -7.21 -15.92
CA THR B 93 -19.18 -7.95 -15.10
C THR B 93 -19.88 -7.02 -14.10
N PRO B 94 -21.23 -7.10 -14.00
CA PRO B 94 -21.99 -6.33 -13.00
C PRO B 94 -21.68 -6.85 -11.64
N ILE B 95 -21.43 -5.93 -10.72
CA ILE B 95 -21.18 -6.28 -9.36
C ILE B 95 -22.37 -7.02 -8.76
N SER B 96 -23.60 -6.75 -9.22
CA SER B 96 -24.72 -7.48 -8.67
C SER B 96 -24.61 -8.95 -8.89
N GLU B 97 -24.05 -9.38 -10.03
CA GLU B 97 -23.93 -10.81 -10.24
C GLU B 97 -22.91 -11.41 -9.32
N VAL B 98 -21.86 -10.64 -9.10
CA VAL B 98 -20.81 -11.06 -8.17
C VAL B 98 -21.33 -11.18 -6.78
N TYR B 99 -22.10 -10.17 -6.35
CA TYR B 99 -22.68 -10.17 -5.06
C TYR B 99 -23.62 -11.41 -4.87
N GLU B 100 -24.42 -11.72 -5.87
CA GLU B 100 -25.31 -12.87 -5.78
C GLU B 100 -24.56 -14.21 -5.56
N SER B 101 -23.43 -14.43 -6.20
CA SER B 101 -22.80 -15.72 -6.08
C SER B 101 -21.66 -15.72 -5.08
N GLU B 102 -21.02 -14.56 -4.77
CA GLU B 102 -19.80 -14.55 -4.00
C GLU B 102 -19.83 -13.83 -2.67
N ARG B 103 -20.96 -13.24 -2.31
CA ARG B 103 -21.06 -12.57 -1.06
C ARG B 103 -20.85 -13.54 0.13
N ASP B 104 -20.40 -13.00 1.22
CA ASP B 104 -20.12 -13.73 2.42
C ASP B 104 -21.44 -14.01 3.15
N GLU B 105 -21.39 -14.99 4.06
CA GLU B 105 -22.54 -15.24 4.96
C GLU B 105 -22.94 -14.00 5.76
N ASP B 106 -22.02 -13.10 6.02
CA ASP B 106 -22.36 -11.86 6.71
C ASP B 106 -23.10 -10.85 5.86
N GLY B 107 -23.18 -11.08 4.59
CA GLY B 107 -23.92 -10.17 3.69
C GLY B 107 -23.04 -9.10 3.04
N PHE B 108 -21.76 -8.96 3.45
CA PHE B 108 -20.80 -8.17 2.65
C PHE B 108 -20.21 -8.94 1.46
N LEU B 109 -19.74 -8.21 0.47
CA LEU B 109 -18.96 -8.76 -0.58
C LEU B 109 -17.51 -8.30 -0.33
N TYR B 110 -16.59 -9.25 -0.21
CA TYR B 110 -15.18 -9.00 0.15
C TYR B 110 -14.29 -9.06 -1.04
N MET B 111 -13.49 -8.00 -1.19
CA MET B 111 -12.43 -7.93 -2.19
C MET B 111 -11.11 -7.43 -1.63
N VAL B 112 -10.08 -7.82 -2.31
CA VAL B 112 -8.70 -7.30 -2.02
C VAL B 112 -8.02 -6.72 -3.22
N TYR B 113 -7.17 -5.75 -2.97
CA TYR B 113 -6.45 -5.11 -4.03
C TYR B 113 -4.93 -5.37 -3.93
N ALA B 114 -4.32 -5.46 -5.12
CA ALA B 114 -2.92 -5.82 -5.24
C ALA B 114 -2.30 -5.14 -6.44
N SER B 115 -0.97 -5.07 -6.41
CA SER B 115 -0.24 -4.37 -7.42
C SER B 115 0.29 -5.43 -8.42
N GLN B 116 0.84 -4.96 -9.54
CA GLN B 116 1.38 -5.92 -10.56
C GLN B 116 2.52 -6.78 -10.04
N GLU B 117 3.31 -6.24 -9.14
CA GLU B 117 4.40 -6.95 -8.53
C GLU B 117 3.99 -8.25 -7.79
N THR B 118 2.83 -8.22 -7.17
CA THR B 118 2.34 -9.34 -6.41
C THR B 118 1.75 -10.47 -7.29
N PHE B 119 1.17 -10.11 -8.42
CA PHE B 119 0.37 -11.11 -9.22
C PHE B 119 0.84 -11.41 -10.63
N GLY B 120 0.46 -12.56 -11.26
CA GLY B 120 -0.21 -13.90 -10.68
C GLY B 120 -1.24 -14.75 -11.52
N ASP C 1 22.91 1.23 -10.04
CA ASP C 1 21.65 0.57 -9.54
C ASP C 1 21.07 -0.35 -10.62
N ASP C 2 20.72 -1.59 -10.31
CA ASP C 2 20.67 -2.15 -8.96
C ASP C 2 21.89 -3.00 -8.56
N ALA C 3 23.07 -2.72 -9.11
CA ALA C 3 24.26 -3.49 -8.77
C ALA C 3 24.89 -3.05 -7.43
N VAL C 4 24.81 -1.75 -7.17
CA VAL C 4 25.62 -1.05 -6.16
C VAL C 4 24.69 -0.44 -5.11
N PHE C 5 25.06 -0.50 -3.83
CA PHE C 5 24.24 0.15 -2.74
C PHE C 5 24.64 1.61 -2.58
N ASP C 6 23.67 2.48 -2.35
CA ASP C 6 23.89 3.84 -1.93
C ASP C 6 24.09 3.80 -0.42
N ILE C 7 25.32 4.06 -0.01
CA ILE C 7 25.68 3.90 1.33
C ILE C 7 25.39 5.22 2.05
N ILE C 8 24.56 5.16 3.07
CA ILE C 8 24.32 6.33 3.89
C ILE C 8 25.46 6.35 4.91
N THR C 9 26.27 7.39 4.90
CA THR C 9 27.42 7.36 5.80
C THR C 9 27.11 8.12 7.09
N ASP C 10 27.96 7.85 8.07
CA ASP C 10 27.90 8.52 9.38
C ASP C 10 27.96 10.06 9.26
N GLU C 11 28.76 10.58 8.33
CA GLU C 11 28.86 12.00 8.11
C GLU C 11 27.55 12.72 7.72
N GLU C 12 26.74 12.09 6.86
CA GLU C 12 25.39 12.65 6.58
C GLU C 12 24.55 12.72 7.84
N LEU C 13 24.75 11.77 8.75
CA LEU C 13 23.96 11.81 9.97
C LEU C 13 24.51 12.90 10.86
N CYS C 14 25.86 13.04 10.87
CA CYS C 14 26.53 14.09 11.66
C CYS C 14 25.98 15.49 11.32
N GLN C 15 25.63 15.67 10.07
CA GLN C 15 24.97 16.95 9.62
C GLN C 15 23.51 17.28 10.06
N ILE C 16 22.70 16.27 10.36
CA ILE C 16 21.37 16.49 10.97
C ILE C 16 21.51 17.14 12.33
N GLN C 17 22.47 16.64 13.08
CA GLN C 17 22.66 17.00 14.46
C GLN C 17 23.22 18.43 14.57
N GLU C 18 23.99 18.83 13.57
CA GLU C 18 24.59 20.16 13.54
C GLU C 18 23.69 21.18 12.82
N SER C 19 22.58 20.72 12.23
CA SER C 19 21.74 21.54 11.36
C SER C 19 20.24 21.27 11.55
N ASP D 1 -11.13 3.28 9.48
CA ASP D 1 -12.46 3.69 9.94
C ASP D 1 -13.40 2.59 9.47
N ASP D 2 -13.81 1.71 10.37
CA ASP D 2 -14.75 0.62 9.99
C ASP D 2 -16.21 1.02 10.34
N ALA D 3 -16.43 2.26 10.76
CA ALA D 3 -17.80 2.71 11.10
C ALA D 3 -18.52 3.33 9.88
N VAL D 4 -17.84 4.29 9.27
CA VAL D 4 -18.44 5.09 8.23
C VAL D 4 -18.23 4.39 6.82
N PHE D 5 -19.31 4.26 6.10
CA PHE D 5 -19.25 3.77 4.74
C PHE D 5 -18.73 4.85 3.80
N ASP D 6 -17.96 4.46 2.79
CA ASP D 6 -17.65 5.34 1.66
C ASP D 6 -18.79 5.13 0.69
N ILE D 7 -19.75 6.04 0.75
CA ILE D 7 -20.95 5.86 -0.03
C ILE D 7 -20.81 6.45 -1.43
N ILE D 8 -20.96 5.61 -2.42
CA ILE D 8 -20.90 6.09 -3.79
C ILE D 8 -22.32 6.37 -4.28
N THR D 9 -22.62 7.63 -4.57
CA THR D 9 -24.00 8.00 -4.98
C THR D 9 -24.22 7.69 -6.43
N ASP D 10 -25.49 7.63 -6.84
CA ASP D 10 -25.76 7.46 -8.28
C ASP D 10 -25.13 8.59 -9.07
N GLU D 11 -25.14 9.79 -8.50
CA GLU D 11 -24.55 10.94 -9.23
C GLU D 11 -23.00 10.84 -9.35
N GLU D 12 -22.33 10.39 -8.28
CA GLU D 12 -20.92 10.16 -8.32
C GLU D 12 -20.54 9.13 -9.38
N LEU D 13 -21.29 8.02 -9.45
CA LEU D 13 -21.09 7.01 -10.48
C LEU D 13 -21.26 7.57 -11.86
N CYS D 14 -22.31 8.39 -12.03
CA CYS D 14 -22.52 9.07 -13.30
C CYS D 14 -21.27 9.84 -13.71
N GLN D 15 -20.71 10.61 -12.77
CA GLN D 15 -19.50 11.43 -13.06
C GLN D 15 -18.25 10.62 -13.37
N ILE D 16 -18.07 9.52 -12.63
CA ILE D 16 -17.05 8.53 -12.98
C ILE D 16 -17.20 8.02 -14.37
N GLN D 17 -18.42 7.68 -14.79
CA GLN D 17 -18.65 7.11 -16.13
C GLN D 17 -18.32 8.08 -17.25
N GLU D 18 -18.56 9.36 -16.98
CA GLU D 18 -18.32 10.47 -17.90
C GLU D 18 -16.88 11.03 -17.91
N SER D 19 -16.12 10.85 -16.82
CA SER D 19 -14.75 11.39 -16.75
C SER D 19 -13.81 10.79 -17.81
#